data_4F78
#
_entry.id   4F78
#
_cell.length_a   38.912
_cell.length_b   43.960
_cell.length_c   80.199
_cell.angle_alpha   90.00
_cell.angle_beta   99.19
_cell.angle_gamma   90.00
#
_symmetry.space_group_name_H-M   'P 1 21 1'
#
loop_
_entity.id
_entity.type
_entity.pdbx_description
1 polymer D,D-dipeptidase/D,D-carboxypeptidase
2 non-polymer 'ZINC ION'
3 non-polymer 'CHLORIDE ION'
4 non-polymer 'SULFATE ION'
5 non-polymer 1,2-ETHANEDIOL
6 non-polymer GLYCEROL
7 water water
#
_entity_poly.entity_id   1
_entity_poly.type   'polypeptide(L)'
_entity_poly.pdbx_seq_one_letter_code
;G(MSE)(MSE)KTIELEKEEIYCGNLLLVNKNYPLRDNNVKGLVPADIRFPNIL(MSE)KRDVANVLQLIFEKISAGNSI
VPVSGYRSLEEQTAIYDGSLKDNGEDFTRKYVALPNHSEHQTGLAIDLGLNKKDIDFIRPDFPYDGICDEFRRAAPDYGF
TQRYARDKEEITGISHEPWHFRYVGYPHSKI(MSE)QENGFSLEEYTQFIKAYLEDNKYLFEQAHRAEIEIYYVPAKDDK
TLIKIPENCVYQISGNNIDGFVVTIWRKTDD
;
_entity_poly.pdbx_strand_id   A
#
loop_
_chem_comp.id
_chem_comp.type
_chem_comp.name
_chem_comp.formula
CL non-polymer 'CHLORIDE ION' 'Cl -1'
EDO non-polymer 1,2-ETHANEDIOL 'C2 H6 O2'
GOL non-polymer GLYCEROL 'C3 H8 O3'
SO4 non-polymer 'SULFATE ION' 'O4 S -2'
ZN non-polymer 'ZINC ION' 'Zn 2'
#
# COMPACT_ATOMS: atom_id res chain seq x y z
N GLY A 1 -20.96 -15.48 19.60
CA GLY A 1 -20.61 -14.93 20.91
C GLY A 1 -20.99 -13.46 21.05
N MSE A 2 -20.34 -12.77 21.98
CA MSE A 2 -20.57 -11.34 22.19
C MSE A 2 -20.10 -10.47 21.02
O MSE A 2 -19.02 -10.71 20.45
CB MSE A 2 -19.88 -10.85 23.48
CG MSE A 2 -20.21 -11.68 24.71
SE MSE A 2 -22.03 -11.53 25.22
CE MSE A 2 -21.90 -9.81 26.13
N MSE A 3 -20.90 -9.47 20.65
CA MSE A 3 -20.47 -8.46 19.68
C MSE A 3 -19.92 -7.27 20.46
O MSE A 3 -20.26 -7.08 21.63
CB MSE A 3 -21.64 -8.02 18.80
CG MSE A 3 -22.41 -9.16 18.14
SE MSE A 3 -21.36 -9.89 16.71
CE MSE A 3 -21.59 -8.43 15.43
N LYS A 4 -19.12 -6.45 19.78
CA LYS A 4 -18.39 -5.35 20.39
C LYS A 4 -18.51 -4.10 19.51
N THR A 5 -18.78 -2.94 20.12
CA THR A 5 -18.85 -1.71 19.33
C THR A 5 -17.52 -0.99 19.28
N ILE A 6 -17.12 -0.60 18.07
CA ILE A 6 -15.97 0.27 17.89
C ILE A 6 -16.46 1.64 17.49
N GLU A 7 -15.97 2.66 18.18
CA GLU A 7 -16.33 4.04 17.86
C GLU A 7 -15.15 4.75 17.19
N LEU A 8 -15.37 5.30 16.00
CA LEU A 8 -14.31 5.93 15.21
C LEU A 8 -14.56 7.41 14.94
N GLU A 9 -13.53 8.23 15.11
CA GLU A 9 -13.68 9.64 14.81
C GLU A 9 -13.46 9.81 13.30
N LYS A 10 -14.05 10.85 12.71
CA LYS A 10 -13.99 11.00 11.26
C LYS A 10 -12.56 11.02 10.79
N GLU A 11 -11.66 11.54 11.62
CA GLU A 11 -10.29 11.75 11.14
C GLU A 11 -9.51 10.44 10.98
N GLU A 12 -10.07 9.33 11.47
CA GLU A 12 -9.46 8.03 11.30
C GLU A 12 -9.62 7.47 9.90
N ILE A 13 -10.39 8.15 9.03
CA ILE A 13 -10.46 7.69 7.64
C ILE A 13 -9.13 8.00 6.97
N TYR A 14 -8.32 8.86 7.59
CA TYR A 14 -7.03 9.22 6.98
C TYR A 14 -5.89 8.37 7.53
N CYS A 15 -6.21 7.28 8.23
CA CYS A 15 -5.17 6.36 8.78
C CYS A 15 -5.43 4.92 8.30
N GLY A 16 -4.38 4.12 8.06
CA GLY A 16 -4.54 2.67 7.84
C GLY A 16 -3.90 2.08 6.59
N ASN A 17 -3.97 0.76 6.47
CA ASN A 17 -3.29 0.05 5.35
C ASN A 17 -3.92 0.31 3.99
N LEU A 18 -5.16 0.77 3.94
CA LEU A 18 -5.85 0.87 2.65
C LEU A 18 -6.06 2.29 2.16
N LEU A 19 -5.31 3.25 2.72
CA LEU A 19 -5.40 4.63 2.24
C LEU A 19 -5.18 4.74 0.73
N LEU A 20 -6.10 5.42 0.06
CA LEU A 20 -5.84 5.78 -1.35
C LEU A 20 -5.20 7.19 -1.37
N VAL A 21 -3.94 7.25 -1.77
CA VAL A 21 -3.21 8.50 -1.81
C VAL A 21 -2.81 8.75 -3.27
N ASN A 22 -3.34 9.83 -3.86
CA ASN A 22 -3.01 10.08 -5.27
C ASN A 22 -3.23 11.54 -5.56
N LYS A 23 -3.27 11.94 -6.83
CA LYS A 23 -3.39 13.35 -7.17
C LYS A 23 -4.67 13.92 -6.60
N ASN A 24 -5.73 13.12 -6.55
CA ASN A 24 -7.02 13.60 -6.02
C ASN A 24 -7.13 13.61 -4.51
N TYR A 25 -6.39 12.72 -3.86
CA TYR A 25 -6.62 12.46 -2.44
C TYR A 25 -5.30 12.55 -1.69
N PRO A 26 -5.02 13.68 -1.06
CA PRO A 26 -3.71 13.87 -0.46
C PRO A 26 -3.59 13.16 0.89
N LEU A 27 -2.36 12.97 1.37
CA LEU A 27 -2.16 12.47 2.75
C LEU A 27 -2.58 13.59 3.68
N ARG A 28 -3.35 13.25 4.71
CA ARG A 28 -3.83 14.28 5.59
C ARG A 28 -3.33 14.09 6.99
N ASP A 29 -2.59 13.01 7.20
CA ASP A 29 -2.06 12.68 8.50
C ASP A 29 -0.61 12.33 8.26
N ASN A 30 0.30 13.23 8.60
CA ASN A 30 1.72 12.99 8.34
C ASN A 30 2.32 12.09 9.40
N ASN A 31 1.50 11.76 10.40
CA ASN A 31 1.97 11.15 11.64
C ASN A 31 2.06 9.63 11.55
N VAL A 32 3.07 9.14 10.84
CA VAL A 32 3.33 7.73 10.65
C VAL A 32 4.11 7.23 11.84
N LYS A 33 3.66 6.14 12.44
CA LYS A 33 4.38 5.62 13.59
C LYS A 33 4.85 4.21 13.30
N GLY A 34 5.78 3.74 14.11
CA GLY A 34 6.25 2.38 13.98
C GLY A 34 7.17 2.21 12.78
N LEU A 35 7.86 3.28 12.37
CA LEU A 35 8.85 3.12 11.28
C LEU A 35 10.10 2.44 11.80
N VAL A 36 10.62 1.49 11.03
CA VAL A 36 11.91 0.87 11.42
C VAL A 36 12.69 0.64 10.15
N PRO A 37 14.02 0.43 10.26
CA PRO A 37 14.75 0.15 9.03
C PRO A 37 14.27 -1.14 8.39
N ALA A 38 14.17 -1.18 7.07
CA ALA A 38 13.66 -2.40 6.41
C ALA A 38 14.60 -3.58 6.60
N ASP A 39 15.89 -3.30 6.74
CA ASP A 39 16.91 -4.38 6.74
C ASP A 39 18.20 -3.81 7.32
N ILE A 40 18.89 -4.60 8.14
CA ILE A 40 20.23 -4.28 8.70
C ILE A 40 21.20 -3.75 7.61
N ARG A 41 21.03 -4.23 6.39
CA ARG A 41 21.95 -3.88 5.28
C ARG A 41 21.59 -2.55 4.66
N PHE A 42 20.40 -2.03 4.98
CA PHE A 42 20.02 -0.71 4.52
C PHE A 42 19.37 0.15 5.62
N PRO A 43 20.17 0.64 6.56
CA PRO A 43 19.62 1.33 7.73
C PRO A 43 18.87 2.62 7.37
N ASN A 44 19.11 3.19 6.21
CA ASN A 44 18.46 4.46 5.89
C ASN A 44 17.13 4.31 5.18
N ILE A 45 16.71 3.07 4.91
CA ILE A 45 15.43 2.82 4.26
CA ILE A 45 15.41 2.86 4.29
C ILE A 45 14.44 2.34 5.34
N LEU A 46 13.49 3.19 5.71
CA LEU A 46 12.57 2.86 6.80
C LEU A 46 11.26 2.45 6.19
N MSE A 47 10.50 1.64 6.91
N MSE A 47 10.51 1.62 6.92
CA MSE A 47 9.10 1.40 6.55
CA MSE A 47 9.16 1.18 6.53
C MSE A 47 8.35 1.01 7.80
C MSE A 47 8.36 1.01 7.81
O MSE A 47 8.97 0.73 8.82
O MSE A 47 8.95 0.89 8.89
CB MSE A 47 8.97 0.35 5.45
CB MSE A 47 9.22 -0.14 5.80
CG MSE A 47 9.66 -0.95 5.68
CG MSE A 47 9.91 -0.10 4.42
SE MSE A 47 10.17 -1.73 3.93
SE MSE A 47 8.95 0.92 3.07
CE MSE A 47 8.54 -1.40 2.95
CE MSE A 47 7.39 -0.25 2.63
N LYS A 48 7.03 1.04 7.72
CA LYS A 48 6.21 0.56 8.84
C LYS A 48 6.68 -0.85 9.25
N ARG A 49 6.75 -1.09 10.56
CA ARG A 49 7.27 -2.35 11.12
C ARG A 49 6.63 -3.62 10.51
N ASP A 50 5.29 -3.73 10.49
CA ASP A 50 4.69 -4.96 9.93
C ASP A 50 5.00 -5.11 8.44
N VAL A 51 5.11 -4.01 7.73
CA VAL A 51 5.45 -4.05 6.33
C VAL A 51 6.92 -4.52 6.08
N ALA A 52 7.90 -3.96 6.81
CA ALA A 52 9.27 -4.55 6.80
C ALA A 52 9.28 -6.04 7.12
N ASN A 53 8.46 -6.46 8.09
CA ASN A 53 8.44 -7.89 8.41
C ASN A 53 7.93 -8.70 7.23
N VAL A 54 6.90 -8.19 6.54
CA VAL A 54 6.33 -8.93 5.43
C VAL A 54 7.31 -8.99 4.26
N LEU A 55 7.99 -7.87 4.00
CA LEU A 55 8.98 -7.84 2.95
C LEU A 55 10.06 -8.88 3.20
N GLN A 56 10.52 -9.01 4.45
CA GLN A 56 11.47 -10.09 4.76
C GLN A 56 10.92 -11.50 4.46
N LEU A 57 9.65 -11.75 4.84
CA LEU A 57 9.01 -13.04 4.49
C LEU A 57 9.04 -13.32 2.99
N ILE A 58 8.74 -12.32 2.15
CA ILE A 58 8.74 -12.55 0.70
C ILE A 58 10.17 -12.88 0.20
N PHE A 59 11.16 -12.08 0.63
CA PHE A 59 12.54 -12.32 0.19
C PHE A 59 12.99 -13.71 0.61
N GLU A 60 12.59 -14.16 1.80
CA GLU A 60 12.94 -15.52 2.26
C GLU A 60 12.25 -16.56 1.39
N LYS A 61 10.98 -16.32 1.10
CA LYS A 61 10.21 -17.33 0.36
C LYS A 61 10.77 -17.53 -1.06
N ILE A 62 11.26 -16.46 -1.69
CA ILE A 62 11.81 -16.57 -3.04
C ILE A 62 13.34 -16.71 -3.06
N SER A 63 13.96 -16.74 -1.87
CA SER A 63 15.41 -16.90 -1.78
C SER A 63 16.13 -15.77 -2.51
N ALA A 64 15.74 -14.55 -2.23
CA ALA A 64 16.29 -13.39 -2.94
C ALA A 64 17.75 -13.17 -2.60
N GLY A 65 18.20 -13.65 -1.43
CA GLY A 65 19.58 -13.37 -1.02
C GLY A 65 19.84 -11.87 -1.09
N ASN A 66 20.86 -11.48 -1.85
CA ASN A 66 21.19 -10.07 -1.99
C ASN A 66 20.90 -9.45 -3.33
N SER A 67 20.13 -10.14 -4.15
CA SER A 67 19.97 -9.72 -5.54
C SER A 67 18.93 -8.62 -5.71
N ILE A 68 18.03 -8.45 -4.74
CA ILE A 68 17.09 -7.31 -4.74
C ILE A 68 17.43 -6.35 -3.60
N VAL A 69 17.47 -5.07 -3.91
CA VAL A 69 17.75 -4.11 -2.86
C VAL A 69 16.59 -3.10 -2.76
N PRO A 70 16.32 -2.60 -1.53
CA PRO A 70 15.29 -1.57 -1.36
C PRO A 70 15.93 -0.25 -1.77
N VAL A 71 15.29 0.55 -2.62
CA VAL A 71 15.93 1.76 -3.13
C VAL A 71 15.34 2.97 -2.41
N SER A 72 14.04 2.94 -2.19
CA SER A 72 13.35 4.02 -1.47
CA SER A 72 13.39 4.01 -1.42
C SER A 72 12.23 3.41 -0.66
N GLY A 73 12.06 3.83 0.58
CA GLY A 73 10.92 3.34 1.35
C GLY A 73 10.15 4.56 1.85
N TYR A 74 10.07 4.75 3.16
CA TYR A 74 9.46 5.94 3.73
C TYR A 74 10.22 7.19 3.27
N ARG A 75 9.47 8.23 2.85
CA ARG A 75 10.06 9.56 2.59
C ARG A 75 9.27 10.57 3.40
N SER A 76 9.93 11.51 4.02
CA SER A 76 9.22 12.60 4.70
C SER A 76 8.73 13.58 3.65
N LEU A 77 7.97 14.59 4.09
CA LEU A 77 7.58 15.70 3.22
C LEU A 77 8.78 16.44 2.58
N GLU A 78 9.81 16.75 3.38
CA GLU A 78 10.97 17.45 2.79
C GLU A 78 11.74 16.63 1.75
N GLU A 79 11.83 15.31 1.94
CA GLU A 79 12.48 14.43 0.96
CA GLU A 79 12.51 14.50 0.94
C GLU A 79 11.69 14.40 -0.34
N GLN A 80 10.38 14.24 -0.21
CA GLN A 80 9.56 14.15 -1.42
C GLN A 80 9.62 15.49 -2.21
N THR A 81 9.60 16.62 -1.49
CA THR A 81 9.64 17.91 -2.18
CA THR A 81 9.65 17.94 -2.09
C THR A 81 11.00 18.10 -2.83
N ALA A 82 12.07 17.71 -2.16
CA ALA A 82 13.39 17.80 -2.81
C ALA A 82 13.44 16.90 -4.04
N ILE A 83 12.83 15.71 -3.97
CA ILE A 83 12.92 14.82 -5.14
C ILE A 83 12.13 15.40 -6.29
N TYR A 84 10.95 15.93 -6.00
CA TYR A 84 10.12 16.52 -7.04
C TYR A 84 10.82 17.72 -7.69
N ASP A 85 11.29 18.67 -6.86
CA ASP A 85 11.93 19.87 -7.45
C ASP A 85 13.24 19.53 -8.14
N GLY A 86 13.98 18.52 -7.64
CA GLY A 86 15.22 18.16 -8.33
C GLY A 86 14.90 17.48 -9.66
N SER A 87 13.82 16.71 -9.70
CA SER A 87 13.41 16.10 -10.98
C SER A 87 12.91 17.16 -11.98
N LEU A 88 12.22 18.20 -11.49
CA LEU A 88 11.87 19.35 -12.37
C LEU A 88 13.12 19.85 -13.08
N LYS A 89 14.20 20.01 -12.30
CA LYS A 89 15.43 20.59 -12.86
C LYS A 89 16.16 19.59 -13.76
N ASP A 90 16.22 18.32 -13.34
CA ASP A 90 17.06 17.35 -14.09
C ASP A 90 16.31 16.78 -15.28
N ASN A 91 15.02 16.52 -15.08
CA ASN A 91 14.27 15.66 -16.03
C ASN A 91 13.18 16.43 -16.79
N GLY A 92 12.84 17.64 -16.33
CA GLY A 92 11.75 18.42 -16.94
C GLY A 92 10.37 18.12 -16.32
N GLU A 93 9.44 19.00 -16.62
CA GLU A 93 8.14 19.03 -16.01
C GLU A 93 7.26 17.84 -16.44
N ASP A 94 7.26 17.50 -17.74
CA ASP A 94 6.43 16.36 -18.23
C ASP A 94 6.82 15.04 -17.56
N PHE A 95 8.13 14.75 -17.55
CA PHE A 95 8.59 13.52 -16.89
C PHE A 95 8.21 13.51 -15.42
N THR A 96 8.49 14.61 -14.73
CA THR A 96 8.29 14.63 -13.29
C THR A 96 6.82 14.41 -12.91
N ARG A 97 5.90 15.03 -13.64
CA ARG A 97 4.47 14.87 -13.34
C ARG A 97 4.06 13.42 -13.54
N LYS A 98 4.72 12.72 -14.48
CA LYS A 98 4.36 11.32 -14.75
C LYS A 98 5.01 10.30 -13.84
N TYR A 99 6.15 10.66 -13.25
CA TYR A 99 6.92 9.67 -12.50
C TYR A 99 7.18 10.02 -11.04
N VAL A 100 6.94 11.27 -10.65
CA VAL A 100 7.22 11.61 -9.26
C VAL A 100 5.94 12.14 -8.65
N ALA A 101 5.45 11.48 -7.61
CA ALA A 101 4.22 11.97 -6.99
C ALA A 101 4.40 13.40 -6.39
N LEU A 102 3.35 14.25 -6.43
CA LEU A 102 3.43 15.54 -5.72
C LEU A 102 3.68 15.35 -4.23
N PRO A 103 4.40 16.30 -3.61
CA PRO A 103 4.52 16.24 -2.14
C PRO A 103 3.12 16.21 -1.51
N ASN A 104 3.00 15.36 -0.46
CA ASN A 104 1.71 15.05 0.19
C ASN A 104 0.72 14.26 -0.68
N HIS A 105 1.18 13.77 -1.83
CA HIS A 105 0.37 12.84 -2.67
C HIS A 105 1.17 11.60 -3.00
N SER A 106 2.25 11.39 -2.26
CA SER A 106 3.12 10.24 -2.46
C SER A 106 2.86 9.14 -1.44
N GLU A 107 2.62 7.92 -1.92
CA GLU A 107 2.46 6.77 -1.02
C GLU A 107 3.72 6.54 -0.20
N HIS A 108 4.88 6.98 -0.68
CA HIS A 108 6.09 6.84 0.14
C HIS A 108 5.99 7.54 1.47
N GLN A 109 5.16 8.57 1.53
CA GLN A 109 5.06 9.27 2.81
C GLN A 109 4.23 8.49 3.84
N THR A 110 3.63 7.36 3.43
CA THR A 110 2.83 6.55 4.39
C THR A 110 3.67 5.46 5.13
N GLY A 111 4.89 5.17 4.66
CA GLY A 111 5.56 3.98 5.18
C GLY A 111 5.04 2.64 4.63
N LEU A 112 4.12 2.66 3.66
CA LEU A 112 3.59 1.40 3.07
C LEU A 112 4.10 1.11 1.68
N ALA A 113 4.93 2.00 1.13
CA ALA A 113 5.36 1.83 -0.26
C ALA A 113 6.86 1.66 -0.33
N ILE A 114 7.33 0.86 -1.29
CA ILE A 114 8.76 0.58 -1.43
C ILE A 114 9.13 0.54 -2.91
N ASP A 115 10.26 1.13 -3.25
CA ASP A 115 10.84 1.03 -4.60
C ASP A 115 11.95 -0.01 -4.56
N LEU A 116 11.87 -1.05 -5.41
CA LEU A 116 12.88 -2.14 -5.37
C LEU A 116 13.70 -2.15 -6.65
N GLY A 117 14.94 -2.65 -6.59
CA GLY A 117 15.82 -2.65 -7.76
C GLY A 117 16.74 -3.85 -7.73
N LEU A 118 17.16 -4.30 -8.90
CA LEU A 118 18.25 -5.27 -8.95
C LEU A 118 19.49 -4.74 -8.27
N ASN A 119 20.21 -5.61 -7.56
CA ASN A 119 21.43 -5.16 -6.87
C ASN A 119 22.63 -4.83 -7.76
N LYS A 120 22.74 -3.58 -8.21
CA LYS A 120 23.92 -3.11 -8.99
C LYS A 120 24.56 -1.87 -8.39
N LYS A 121 25.70 -1.43 -8.92
CA LYS A 121 26.22 -0.10 -8.55
C LYS A 121 25.60 0.96 -9.44
N ASP A 122 25.05 0.52 -10.55
CA ASP A 122 24.46 1.44 -11.51
C ASP A 122 22.95 1.64 -11.29
N ILE A 123 22.51 1.97 -10.07
CA ILE A 123 21.06 2.09 -9.80
C ILE A 123 20.48 3.50 -9.93
N ASP A 124 19.49 3.65 -10.80
CA ASP A 124 18.86 4.96 -10.90
C ASP A 124 17.80 5.10 -9.83
N PHE A 125 17.96 6.10 -8.97
CA PHE A 125 17.04 6.32 -7.88
C PHE A 125 15.59 6.47 -8.37
N ILE A 126 15.38 7.28 -9.40
CA ILE A 126 14.00 7.55 -9.85
C ILE A 126 13.42 6.36 -10.64
N ARG A 127 14.28 5.72 -11.42
CA ARG A 127 13.95 4.51 -12.20
C ARG A 127 14.91 3.37 -11.82
N PRO A 128 14.58 2.61 -10.76
CA PRO A 128 15.47 1.45 -10.55
C PRO A 128 15.06 0.28 -11.48
N ASP A 129 16.00 -0.62 -11.75
CA ASP A 129 15.77 -1.75 -12.65
C ASP A 129 15.08 -2.90 -11.91
N PHE A 130 13.86 -3.22 -12.33
CA PHE A 130 13.12 -4.31 -11.69
C PHE A 130 12.30 -5.04 -12.77
N PRO A 131 12.95 -5.90 -13.57
CA PRO A 131 12.33 -6.42 -14.80
C PRO A 131 11.26 -7.47 -14.53
N TYR A 132 10.58 -7.89 -15.60
CA TYR A 132 9.54 -8.90 -15.51
C TYR A 132 10.14 -10.25 -15.84
N ASP A 133 11.36 -10.49 -15.37
CA ASP A 133 12.04 -11.78 -15.51
C ASP A 133 12.81 -12.04 -14.25
N GLY A 134 13.21 -13.30 -14.05
CA GLY A 134 14.12 -13.64 -12.98
C GLY A 134 13.56 -13.34 -11.61
N ILE A 135 14.46 -13.02 -10.67
CA ILE A 135 14.13 -12.93 -9.27
C ILE A 135 13.16 -11.79 -8.98
N CYS A 136 13.28 -10.70 -9.72
CA CYS A 136 12.37 -9.58 -9.53
C CYS A 136 10.97 -10.00 -9.88
N ASP A 137 10.84 -10.81 -10.93
CA ASP A 137 9.50 -11.33 -11.26
C ASP A 137 8.98 -12.39 -10.29
N GLU A 138 9.87 -13.18 -9.69
CA GLU A 138 9.44 -14.06 -8.60
C GLU A 138 8.83 -13.26 -7.45
N PHE A 139 9.48 -12.16 -7.05
CA PHE A 139 8.91 -11.28 -6.04
C PHE A 139 7.55 -10.77 -6.47
N ARG A 140 7.48 -10.27 -7.70
CA ARG A 140 6.28 -9.64 -8.20
C ARG A 140 5.12 -10.63 -8.15
N ARG A 141 5.38 -11.88 -8.54
CA ARG A 141 4.28 -12.85 -8.52
C ARG A 141 3.93 -13.37 -7.12
N ALA A 142 4.90 -13.36 -6.19
CA ALA A 142 4.62 -13.77 -4.80
C ALA A 142 3.95 -12.66 -3.98
N ALA A 143 4.25 -11.41 -4.31
CA ALA A 143 3.83 -10.27 -3.51
C ALA A 143 2.34 -10.29 -3.06
N PRO A 144 1.39 -10.55 -4.00
CA PRO A 144 -0.02 -10.48 -3.57
C PRO A 144 -0.42 -11.55 -2.56
N ASP A 145 0.34 -12.65 -2.45
CA ASP A 145 0.07 -13.63 -1.41
C ASP A 145 0.40 -13.08 -0.05
N TYR A 146 1.15 -11.98 -0.01
CA TYR A 146 1.67 -11.47 1.27
C TYR A 146 1.19 -10.07 1.65
N GLY A 147 0.35 -9.46 0.82
CA GLY A 147 -0.15 -8.14 1.15
C GLY A 147 0.38 -7.01 0.28
N PHE A 148 1.26 -7.30 -0.69
CA PHE A 148 1.83 -6.27 -1.59
C PHE A 148 1.23 -6.31 -3.01
N THR A 149 1.18 -5.16 -3.70
CA THR A 149 0.67 -5.12 -5.06
C THR A 149 1.57 -4.21 -5.85
N GLN A 150 1.78 -4.46 -7.15
CA GLN A 150 2.54 -3.48 -7.94
C GLN A 150 1.59 -2.32 -8.24
N ARG A 151 1.95 -1.11 -7.82
CA ARG A 151 0.99 -0.02 -7.70
C ARG A 151 0.55 0.61 -9.02
N TYR A 152 1.50 0.73 -9.94
CA TYR A 152 1.30 1.53 -11.15
C TYR A 152 1.53 0.70 -12.39
N ALA A 153 0.45 0.12 -12.92
CA ALA A 153 0.57 -0.67 -14.13
C ALA A 153 0.39 0.21 -15.36
N ARG A 154 0.93 -0.26 -16.48
CA ARG A 154 0.73 0.40 -17.78
C ARG A 154 -0.74 0.52 -18.20
N ASP A 155 -1.54 -0.51 -17.96
CA ASP A 155 -2.93 -0.37 -18.47
C ASP A 155 -3.83 0.48 -17.54
N LYS A 156 -3.25 1.09 -16.50
CA LYS A 156 -4.06 1.84 -15.54
C LYS A 156 -3.58 3.30 -15.43
N GLU A 157 -2.70 3.74 -16.34
CA GLU A 157 -2.09 5.06 -16.22
C GLU A 157 -3.15 6.15 -16.18
N GLU A 158 -4.22 5.99 -16.95
CA GLU A 158 -5.24 7.06 -17.02
C GLU A 158 -6.00 7.17 -15.69
N ILE A 159 -5.99 6.08 -14.92
CA ILE A 159 -6.71 6.02 -13.65
C ILE A 159 -5.81 6.43 -12.47
N THR A 160 -4.55 5.96 -12.48
CA THR A 160 -3.63 6.26 -11.37
C THR A 160 -3.00 7.66 -11.53
N GLY A 161 -2.96 8.19 -12.76
CA GLY A 161 -2.29 9.46 -13.01
C GLY A 161 -0.75 9.33 -13.00
N ILE A 162 -0.23 8.11 -12.89
CA ILE A 162 1.20 7.95 -12.81
C ILE A 162 1.59 6.93 -13.89
N SER A 163 2.71 7.15 -14.58
CA SER A 163 3.16 6.20 -15.62
C SER A 163 3.56 4.81 -15.04
N HIS A 164 3.46 3.76 -15.88
CA HIS A 164 3.94 2.40 -15.58
C HIS A 164 5.24 2.47 -14.79
N GLU A 165 5.25 1.86 -13.59
CA GLU A 165 6.51 1.66 -12.82
C GLU A 165 6.68 0.20 -12.40
N PRO A 166 7.57 -0.50 -13.10
CA PRO A 166 7.87 -1.88 -12.72
C PRO A 166 8.31 -2.01 -11.24
N TRP A 167 8.82 -0.95 -10.60
CA TRP A 167 9.63 -1.17 -9.40
C TRP A 167 8.94 -0.78 -8.09
N HIS A 168 7.75 -0.18 -8.18
CA HIS A 168 7.06 0.41 -7.04
C HIS A 168 5.94 -0.47 -6.54
N PHE A 169 6.08 -0.93 -5.28
CA PHE A 169 5.13 -1.85 -4.66
C PHE A 169 4.48 -1.24 -3.43
N ARG A 170 3.21 -1.53 -3.23
CA ARG A 170 2.48 -0.88 -2.14
C ARG A 170 1.88 -1.97 -1.27
N TYR A 171 2.05 -1.85 0.04
CA TYR A 171 1.41 -2.82 0.96
C TYR A 171 -0.01 -2.38 1.24
N VAL A 172 -0.97 -3.29 1.03
CA VAL A 172 -2.37 -3.01 1.41
C VAL A 172 -2.81 -4.07 2.41
N GLY A 173 -2.01 -5.12 2.58
CA GLY A 173 -2.41 -6.22 3.46
C GLY A 173 -3.16 -7.35 2.77
N TYR A 174 -3.06 -8.57 3.30
CA TYR A 174 -3.83 -9.70 2.80
C TYR A 174 -5.20 -9.68 3.49
N PRO A 175 -6.27 -10.08 2.77
CA PRO A 175 -6.35 -10.65 1.42
C PRO A 175 -6.56 -9.60 0.30
N HIS A 176 -6.56 -8.33 0.69
CA HIS A 176 -6.88 -7.24 -0.24
C HIS A 176 -6.00 -7.31 -1.48
N SER A 177 -4.71 -7.60 -1.26
CA SER A 177 -3.75 -7.64 -2.35
C SER A 177 -4.07 -8.79 -3.29
N LYS A 178 -4.62 -9.87 -2.72
CA LYS A 178 -4.94 -11.06 -3.51
C LYS A 178 -6.22 -10.85 -4.30
N ILE A 179 -7.20 -10.19 -3.67
CA ILE A 179 -8.45 -9.82 -4.37
C ILE A 179 -8.18 -8.87 -5.53
N MSE A 180 -7.28 -7.91 -5.32
CA MSE A 180 -6.89 -6.99 -6.40
C MSE A 180 -6.22 -7.72 -7.56
O MSE A 180 -6.49 -7.42 -8.74
CB MSE A 180 -5.96 -5.89 -5.87
CG MSE A 180 -6.73 -4.89 -4.97
SE MSE A 180 -5.55 -3.78 -3.92
CE MSE A 180 -4.58 -2.88 -5.33
N GLN A 181 -5.37 -8.68 -7.23
CA GLN A 181 -4.70 -9.49 -8.27
C GLN A 181 -5.69 -10.32 -9.09
N GLU A 182 -6.61 -10.98 -8.41
CA GLU A 182 -7.57 -11.86 -9.09
C GLU A 182 -8.43 -11.03 -10.03
N ASN A 183 -8.65 -9.76 -9.70
CA ASN A 183 -9.55 -8.91 -10.51
C ASN A 183 -8.84 -7.97 -11.48
N GLY A 184 -7.50 -7.97 -11.45
CA GLY A 184 -6.68 -6.98 -12.15
C GLY A 184 -6.96 -5.55 -11.70
N PHE A 185 -7.15 -5.32 -10.39
CA PHE A 185 -7.49 -3.97 -9.95
C PHE A 185 -6.25 -3.17 -9.56
N SER A 186 -6.24 -1.90 -9.97
CA SER A 186 -5.41 -0.91 -9.29
C SER A 186 -6.04 -0.58 -7.94
N LEU A 187 -5.33 0.14 -7.07
CA LEU A 187 -5.91 0.53 -5.79
C LEU A 187 -7.12 1.43 -5.98
N GLU A 188 -7.07 2.34 -6.98
CA GLU A 188 -8.21 3.21 -7.30
C GLU A 188 -9.44 2.35 -7.53
N GLU A 189 -9.31 1.32 -8.36
CA GLU A 189 -10.44 0.44 -8.62
C GLU A 189 -10.93 -0.32 -7.38
N TYR A 190 -10.01 -0.86 -6.57
CA TYR A 190 -10.41 -1.61 -5.39
C TYR A 190 -11.13 -0.71 -4.38
N THR A 191 -10.68 0.54 -4.24
CA THR A 191 -11.32 1.47 -3.32
C THR A 191 -12.83 1.70 -3.71
N GLN A 192 -13.11 1.86 -5.01
CA GLN A 192 -14.51 1.89 -5.47
C GLN A 192 -15.21 0.55 -5.33
N PHE A 193 -14.53 -0.54 -5.74
CA PHE A 193 -15.15 -1.89 -5.77
C PHE A 193 -15.76 -2.30 -4.40
N ILE A 194 -14.98 -2.15 -3.33
CA ILE A 194 -15.37 -2.62 -2.01
C ILE A 194 -16.54 -1.82 -1.46
N LYS A 195 -16.81 -0.62 -2.00
CA LYS A 195 -18.03 0.08 -1.59
C LYS A 195 -19.29 -0.66 -1.94
N ALA A 196 -19.22 -1.61 -2.86
CA ALA A 196 -20.44 -2.39 -3.22
C ALA A 196 -20.84 -3.39 -2.14
N TYR A 197 -19.94 -3.62 -1.18
CA TYR A 197 -20.14 -4.63 -0.12
C TYR A 197 -20.27 -3.96 1.26
N LEU A 198 -21.50 -3.79 1.72
CA LEU A 198 -21.75 -3.13 2.99
C LEU A 198 -21.84 -4.21 4.06
N GLU A 199 -22.09 -3.82 5.32
CA GLU A 199 -22.14 -4.79 6.40
C GLU A 199 -23.25 -5.86 6.24
N ASP A 200 -24.34 -5.54 5.52
CA ASP A 200 -25.38 -6.57 5.36
CA ASP A 200 -25.46 -6.47 5.28
C ASP A 200 -25.18 -7.32 4.06
N ASN A 201 -24.05 -7.08 3.42
CA ASN A 201 -23.73 -7.82 2.20
CA ASN A 201 -23.75 -7.70 2.15
C ASN A 201 -22.23 -7.81 2.01
N LYS A 202 -21.58 -8.52 2.95
CA LYS A 202 -20.11 -8.54 2.96
C LYS A 202 -19.50 -9.31 1.81
N TYR A 203 -18.28 -8.93 1.46
CA TYR A 203 -17.50 -9.68 0.52
C TYR A 203 -16.89 -10.86 1.26
N LEU A 204 -16.93 -12.04 0.64
CA LEU A 204 -16.38 -13.23 1.28
C LEU A 204 -15.15 -13.67 0.54
N PHE A 205 -14.02 -13.74 1.26
CA PHE A 205 -12.77 -14.26 0.70
C PHE A 205 -12.43 -15.56 1.39
N GLU A 206 -12.19 -16.62 0.63
CA GLU A 206 -11.77 -17.88 1.26
C GLU A 206 -10.87 -18.63 0.31
N GLN A 207 -9.85 -19.27 0.84
CA GLN A 207 -9.04 -20.08 -0.04
C GLN A 207 -9.35 -21.57 0.12
N ALA A 208 -8.77 -22.13 1.17
CA ALA A 208 -8.80 -23.56 1.46
C ALA A 208 -8.06 -23.63 2.77
N HIS A 209 -8.82 -23.85 3.85
CA HIS A 209 -8.35 -23.68 5.24
C HIS A 209 -6.85 -23.84 5.49
N ARG A 210 -6.15 -22.79 5.95
CA ARG A 210 -6.58 -21.37 6.08
C ARG A 210 -7.83 -20.96 6.88
N ALA A 211 -8.56 -19.99 6.35
CA ALA A 211 -9.71 -19.40 7.06
C ALA A 211 -10.56 -18.53 6.15
N GLU A 212 -11.84 -18.38 6.54
CA GLU A 212 -12.73 -17.47 5.86
C GLU A 212 -12.51 -16.03 6.33
N ILE A 213 -12.48 -15.09 5.39
CA ILE A 213 -12.29 -13.69 5.71
C ILE A 213 -13.45 -12.91 5.07
N GLU A 214 -14.09 -12.04 5.85
CA GLU A 214 -15.11 -11.16 5.32
C GLU A 214 -14.62 -9.75 5.31
N ILE A 215 -15.01 -9.01 4.28
CA ILE A 215 -14.58 -7.62 4.12
C ILE A 215 -15.81 -6.78 3.77
N TYR A 216 -15.92 -5.60 4.39
CA TYR A 216 -17.01 -4.70 4.00
C TYR A 216 -16.64 -3.24 4.21
N TYR A 217 -17.41 -2.36 3.56
CA TYR A 217 -17.19 -0.92 3.61
C TYR A 217 -18.17 -0.30 4.58
N VAL A 218 -17.70 0.73 5.32
CA VAL A 218 -18.58 1.52 6.20
C VAL A 218 -18.36 3.04 5.90
N PRO A 219 -19.40 3.73 5.42
CA PRO A 219 -19.22 5.17 5.17
C PRO A 219 -19.02 5.91 6.49
N ALA A 220 -18.16 6.93 6.49
CA ALA A 220 -17.87 7.67 7.73
C ALA A 220 -19.01 8.62 8.01
N LYS A 221 -19.45 8.67 9.26
CA LYS A 221 -20.39 9.70 9.69
C LYS A 221 -19.64 11.00 9.89
N ASP A 222 -20.40 12.11 9.96
CA ASP A 222 -19.79 13.42 10.14
C ASP A 222 -18.96 13.50 11.43
N ASP A 223 -19.40 12.75 12.45
CA ASP A 223 -18.80 12.84 13.78
C ASP A 223 -18.14 11.52 14.22
N LYS A 224 -18.86 10.71 14.98
CA LYS A 224 -18.43 9.34 15.30
C LYS A 224 -19.12 8.31 14.40
N THR A 225 -18.34 7.39 13.85
CA THR A 225 -18.85 6.25 13.07
C THR A 225 -18.85 5.03 14.00
N LEU A 226 -19.94 4.29 14.02
CA LEU A 226 -20.07 3.16 14.93
C LEU A 226 -20.00 1.88 14.11
N ILE A 227 -19.12 0.96 14.51
CA ILE A 227 -18.91 -0.31 13.80
C ILE A 227 -19.10 -1.43 14.81
N LYS A 228 -19.82 -2.50 14.45
CA LYS A 228 -19.87 -3.65 15.35
C LYS A 228 -18.99 -4.81 14.86
N ILE A 229 -18.35 -5.46 15.82
CA ILE A 229 -17.40 -6.52 15.54
C ILE A 229 -17.66 -7.65 16.52
N PRO A 230 -17.53 -8.90 16.07
CA PRO A 230 -17.50 -10.04 17.00
C PRO A 230 -16.23 -10.10 17.89
N GLU A 231 -16.39 -10.16 19.21
CA GLU A 231 -15.29 -10.50 20.13
C GLU A 231 -14.59 -11.80 19.69
N ASN A 232 -15.36 -12.72 19.10
CA ASN A 232 -14.88 -13.98 18.51
C ASN A 232 -14.22 -13.84 17.11
N CYS A 233 -13.44 -12.78 16.90
CA CYS A 233 -12.74 -12.64 15.62
C CYS A 233 -11.52 -11.70 15.68
N VAL A 234 -10.45 -12.07 14.99
CA VAL A 234 -9.39 -11.13 14.73
C VAL A 234 -9.93 -10.19 13.65
N TYR A 235 -9.76 -8.89 13.85
CA TYR A 235 -10.20 -7.93 12.84
C TYR A 235 -9.16 -6.82 12.61
N GLN A 236 -9.29 -6.15 11.45
CA GLN A 236 -8.54 -4.94 11.13
C GLN A 236 -9.52 -3.91 10.61
N ILE A 237 -9.22 -2.64 10.83
CA ILE A 237 -10.03 -1.55 10.24
C ILE A 237 -9.03 -0.58 9.65
N SER A 238 -9.35 -0.03 8.48
CA SER A 238 -8.53 1.01 7.87
C SER A 238 -9.44 2.07 7.28
N GLY A 239 -8.97 3.31 7.26
CA GLY A 239 -9.63 4.35 6.47
C GLY A 239 -9.27 4.14 5.01
N ASN A 240 -10.05 4.76 4.11
CA ASN A 240 -9.69 4.70 2.68
C ASN A 240 -9.15 6.02 2.18
N ASN A 241 -8.97 6.97 3.12
CA ASN A 241 -8.40 8.30 2.84
C ASN A 241 -9.37 9.25 2.16
N ILE A 242 -10.63 8.81 1.99
CA ILE A 242 -11.63 9.59 1.24
C ILE A 242 -12.93 9.83 2.03
N ASP A 243 -13.59 8.75 2.45
CA ASP A 243 -14.99 8.85 2.87
C ASP A 243 -15.49 7.75 3.83
N GLY A 244 -14.64 6.81 4.22
CA GLY A 244 -15.12 5.72 5.06
C GLY A 244 -14.06 4.70 5.43
N PHE A 245 -14.54 3.54 5.81
CA PHE A 245 -13.72 2.54 6.45
C PHE A 245 -13.90 1.20 5.73
N VAL A 246 -12.84 0.41 5.68
CA VAL A 246 -12.91 -0.98 5.27
C VAL A 246 -12.58 -1.83 6.50
N VAL A 247 -13.48 -2.74 6.81
CA VAL A 247 -13.29 -3.64 7.92
C VAL A 247 -13.02 -5.04 7.40
N THR A 248 -12.00 -5.69 7.98
CA THR A 248 -11.60 -7.04 7.59
C THR A 248 -11.75 -7.96 8.77
N ILE A 249 -12.54 -9.01 8.62
CA ILE A 249 -12.80 -9.91 9.73
CA ILE A 249 -12.84 -9.93 9.71
C ILE A 249 -12.35 -11.33 9.41
N TRP A 250 -11.51 -11.90 10.29
CA TRP A 250 -10.99 -13.26 10.15
C TRP A 250 -11.85 -14.18 11.03
N ARG A 251 -12.60 -15.06 10.37
CA ARG A 251 -13.63 -15.88 11.02
C ARG A 251 -13.09 -17.20 11.57
ZN ZN B . 8.07 4.80 -5.66
CL CL C . -22.31 -4.84 19.88
S SO4 D . 6.72 8.29 -5.84
O1 SO4 D . 7.00 9.52 -6.59
O2 SO4 D . 7.96 7.51 -5.69
O3 SO4 D . 6.13 8.74 -4.57
O4 SO4 D . 5.75 7.37 -6.41
C1 EDO E . -2.98 8.61 -19.36
O1 EDO E . -2.57 7.52 -20.23
C2 EDO E . -4.32 9.19 -19.82
O2 EDO E . -4.73 10.28 -18.98
C1 EDO F . 13.02 -6.26 9.54
O1 EDO F . 13.88 -7.01 10.40
C2 EDO F . 12.43 -5.16 10.43
O2 EDO F . 13.47 -4.20 10.68
C1 EDO G . -15.16 -0.83 -9.31
O1 EDO G . -16.05 -1.97 -9.17
C2 EDO G . -13.88 -1.25 -10.01
O2 EDO G . -14.19 -1.97 -11.24
C1 EDO H . -23.93 2.24 7.49
O1 EDO H . -23.05 2.18 8.62
C2 EDO H . -23.23 1.45 6.39
O2 EDO H . -24.06 1.08 5.28
C1 EDO I . -26.46 -1.72 8.09
O1 EDO I . -26.43 -0.80 9.19
C2 EDO I . -25.82 -1.05 6.88
O2 EDO I . -25.60 -2.00 5.82
C1 EDO J . -4.90 10.46 -9.30
O1 EDO J . -3.44 10.49 -9.29
C2 EDO J . -5.48 10.16 -10.66
O2 EDO J . -5.29 11.31 -11.51
C1 EDO K . -0.62 9.83 -17.06
O1 EDO K . -0.02 11.08 -17.52
C2 EDO K . 0.50 8.97 -16.47
O2 EDO K . 1.41 8.47 -17.48
C1 EDO L . 11.00 19.17 -20.21
O1 EDO L . 12.13 19.25 -21.08
C2 EDO L . 9.77 18.54 -20.83
O2 EDO L . 8.64 18.93 -20.02
C1 EDO M . -10.28 -16.31 -3.53
O1 EDO M . -9.35 -17.41 -3.53
C2 EDO M . -11.69 -16.82 -3.26
O2 EDO M . -12.35 -16.02 -2.29
C1 EDO N . -0.43 -15.05 4.31
O1 EDO N . -1.80 -15.45 4.53
C2 EDO N . -0.20 -13.59 4.70
O2 EDO N . 0.83 -13.48 5.69
C1 GOL O . 0.14 -3.65 -18.71
O1 GOL O . -0.45 -3.19 -17.51
C2 GOL O . -0.98 -3.76 -19.72
O2 GOL O . -0.74 -2.93 -20.84
C3 GOL O . -1.29 -5.21 -20.06
O3 GOL O . -0.61 -5.54 -21.26
C1 GOL P . 24.57 -12.68 -3.20
O1 GOL P . 24.69 -13.45 -2.03
C2 GOL P . 23.46 -13.27 -4.06
O2 GOL P . 22.67 -14.05 -3.22
C3 GOL P . 22.60 -12.16 -4.67
O3 GOL P . 23.38 -11.26 -5.45
C1 GOL Q . -1.52 5.37 8.80
O1 GOL Q . -1.73 6.59 8.11
C2 GOL Q . -0.78 4.40 7.89
O2 GOL Q . -1.68 3.87 6.96
C3 GOL Q . 0.26 5.16 7.09
O3 GOL Q . 1.14 5.74 8.01
#